data_9JVU
#
_entry.id   9JVU
#
_cell.length_a   62.834
_cell.length_b   69.312
_cell.length_c   64.829
_cell.angle_alpha   90.00
_cell.angle_beta   90.00
_cell.angle_gamma   90.00
#
_symmetry.space_group_name_H-M   'C 2 2 21'
#
loop_
_entity.id
_entity.type
_entity.pdbx_description
1 polymer 'Core protein OPG073'
2 water water
#
_entity_poly.entity_id   1
_entity_poly.type   'polypeptide(L)'
_entity_poly.pdbx_seq_one_letter_code
;AMELVNIFLETDAGRVKFVIKNTDDVCASELINKFVELLSEYIHIDQSEFYLVVKDKDIFYFKCDRGSISIVNNEFYVFD
EPLLFVKDFTKITGVEFIVTETMPCRIIPKNNHAVISVVTNHKFYNGLSLHH
;
_entity_poly.pdbx_strand_id   A
#
# COMPACT_ATOMS: atom_id res chain seq x y z
N ALA A 1 -11.62 -3.50 10.66
CA ALA A 1 -10.76 -2.40 10.25
C ALA A 1 -9.50 -2.92 9.59
N MET A 2 -9.26 -2.50 8.34
CA MET A 2 -8.03 -2.83 7.64
C MET A 2 -7.50 -1.60 6.92
N GLU A 3 -6.18 -1.55 6.73
CA GLU A 3 -5.56 -0.43 6.04
C GLU A 3 -4.40 -0.92 5.19
N LEU A 4 -4.09 -0.17 4.15
CA LEU A 4 -2.84 -0.41 3.42
C LEU A 4 -1.67 0.20 4.18
N VAL A 5 -0.55 -0.51 4.19
CA VAL A 5 0.66 -0.02 4.85
C VAL A 5 1.78 0.28 3.87
N ASN A 6 1.56 0.09 2.57
CA ASN A 6 2.58 0.38 1.58
C ASN A 6 2.14 1.34 0.49
N ILE A 7 0.92 1.90 0.59
CA ILE A 7 0.45 2.86 -0.41
C ILE A 7 -0.31 3.92 0.36
N PHE A 8 -0.10 5.19 0.02
CA PHE A 8 -0.73 6.31 0.71
C PHE A 8 -1.06 7.40 -0.31
N LEU A 9 -1.94 8.33 0.09
CA LEU A 9 -2.19 9.51 -0.69
C LEU A 9 -1.32 10.67 -0.21
N GLU A 10 -0.82 11.46 -1.15
CA GLU A 10 -0.20 12.75 -0.89
C GLU A 10 -1.27 13.80 -1.13
N THR A 11 -1.53 14.64 -0.13
CA THR A 11 -2.59 15.64 -0.22
C THR A 11 -2.05 16.99 0.20
N ASP A 12 -2.85 18.04 -0.02
CA ASP A 12 -2.49 19.37 0.43
C ASP A 12 -2.24 19.41 1.94
N ALA A 13 -2.89 18.54 2.70
CA ALA A 13 -2.83 18.56 4.16
C ALA A 13 -1.82 17.58 4.73
N GLY A 14 -1.25 16.69 3.92
CA GLY A 14 -0.35 15.67 4.40
C GLY A 14 -0.77 14.27 3.94
N ARG A 15 -0.11 13.27 4.50
CA ARG A 15 -0.30 11.88 4.07
C ARG A 15 -1.59 11.30 4.60
N VAL A 16 -2.37 10.64 3.72
CA VAL A 16 -3.65 10.05 4.06
C VAL A 16 -3.63 8.56 3.77
N LYS A 17 -4.18 7.78 4.70
CA LYS A 17 -4.22 6.33 4.59
C LYS A 17 -5.41 5.84 3.78
N PHE A 18 -5.25 4.66 3.17
CA PHE A 18 -6.36 3.88 2.63
C PHE A 18 -6.88 2.94 3.72
N VAL A 19 -8.10 3.20 4.19
CA VAL A 19 -8.69 2.50 5.33
C VAL A 19 -10.08 2.02 4.97
N ILE A 20 -10.39 0.78 5.34
CA ILE A 20 -11.74 0.23 5.18
C ILE A 20 -12.22 -0.25 6.55
N LYS A 21 -13.40 0.16 6.96
CA LYS A 21 -13.96 -0.28 8.23
C LYS A 21 -15.21 -1.11 7.97
N ASN A 22 -15.70 -1.73 9.03
CA ASN A 22 -16.75 -2.75 8.96
C ASN A 22 -16.24 -3.99 8.25
N THR A 23 -15.14 -4.57 8.75
CA THR A 23 -14.55 -5.76 8.12
C THR A 23 -14.45 -6.92 9.09
N ASP A 24 -15.18 -6.86 10.21
CA ASP A 24 -14.99 -7.84 11.27
C ASP A 24 -15.26 -9.26 10.80
N ASP A 25 -16.10 -9.44 9.79
CA ASP A 25 -16.50 -10.77 9.33
C ASP A 25 -15.89 -11.11 7.97
N VAL A 26 -14.70 -10.59 7.70
CA VAL A 26 -14.04 -10.82 6.42
C VAL A 26 -12.53 -10.78 6.65
N CYS A 27 -11.81 -11.57 5.87
CA CYS A 27 -10.36 -11.53 5.87
C CYS A 27 -9.87 -10.65 4.72
N ALA A 28 -8.57 -10.35 4.75
CA ALA A 28 -7.98 -9.47 3.75
C ALA A 28 -8.25 -9.99 2.34
N SER A 29 -8.13 -11.31 2.14
CA SER A 29 -8.43 -11.87 0.82
C SER A 29 -9.80 -11.47 0.32
N GLU A 30 -10.77 -11.30 1.21
CA GLU A 30 -12.14 -11.04 0.78
C GLU A 30 -12.42 -9.59 0.39
N LEU A 31 -11.54 -8.63 0.68
CA LEU A 31 -11.81 -7.23 0.36
C LEU A 31 -10.67 -6.57 -0.40
N ILE A 32 -9.72 -7.36 -0.90
CA ILE A 32 -8.63 -6.76 -1.66
C ILE A 32 -9.16 -6.07 -2.90
N ASN A 33 -10.25 -6.59 -3.48
CA ASN A 33 -10.87 -5.91 -4.61
C ASN A 33 -11.33 -4.49 -4.25
N LYS A 34 -11.79 -4.30 -3.02
CA LYS A 34 -12.27 -2.97 -2.62
C LYS A 34 -11.09 -2.00 -2.50
N PHE A 35 -9.95 -2.46 -2.00
CA PHE A 35 -8.78 -1.58 -1.99
C PHE A 35 -8.36 -1.21 -3.42
N VAL A 36 -8.41 -2.18 -4.34
CA VAL A 36 -8.08 -1.86 -5.72
C VAL A 36 -9.06 -0.85 -6.29
N GLU A 37 -10.36 -0.98 -5.98
CA GLU A 37 -11.33 0.01 -6.42
C GLU A 37 -10.99 1.40 -5.87
N LEU A 38 -10.62 1.48 -4.60
CA LEU A 38 -10.22 2.77 -4.06
C LEU A 38 -9.06 3.36 -4.84
N LEU A 39 -8.07 2.54 -5.14
CA LEU A 39 -6.90 3.04 -5.84
C LEU A 39 -7.22 3.45 -7.27
N SER A 40 -8.25 2.84 -7.89
CA SER A 40 -8.58 3.17 -9.27
C SER A 40 -9.03 4.61 -9.44
N GLU A 41 -9.41 5.30 -8.35
CA GLU A 41 -9.67 6.72 -8.45
C GLU A 41 -8.44 7.48 -8.91
N TYR A 42 -7.24 6.95 -8.56
CA TYR A 42 -6.02 7.72 -8.67
C TYR A 42 -5.03 7.21 -9.71
N ILE A 43 -5.11 5.93 -10.09
CA ILE A 43 -4.17 5.33 -11.04
C ILE A 43 -4.97 4.47 -12.01
N HIS A 44 -4.37 4.20 -13.18
CA HIS A 44 -4.96 3.27 -14.16
C HIS A 44 -4.62 1.84 -13.76
N ILE A 45 -5.61 1.15 -13.16
CA ILE A 45 -5.40 -0.23 -12.70
C ILE A 45 -5.05 -1.11 -13.89
N ASP A 46 -5.71 -0.90 -15.02
CA ASP A 46 -5.53 -1.80 -16.16
C ASP A 46 -4.14 -1.75 -16.77
N GLN A 47 -3.35 -0.72 -16.46
CA GLN A 47 -2.01 -0.54 -16.99
C GLN A 47 -0.93 -0.73 -15.94
N SER A 48 -1.28 -0.65 -14.67
CA SER A 48 -0.29 -0.57 -13.59
C SER A 48 0.00 -1.94 -13.02
N GLU A 49 1.15 -2.04 -12.37
CA GLU A 49 1.61 -3.28 -11.76
C GLU A 49 2.17 -2.89 -10.40
N PHE A 50 1.60 -3.40 -9.32
CA PHE A 50 2.02 -2.97 -8.01
C PHE A 50 1.60 -4.00 -6.97
N TYR A 51 2.04 -3.78 -5.74
CA TYR A 51 1.76 -4.65 -4.63
C TYR A 51 0.92 -3.92 -3.60
N LEU A 52 0.08 -4.67 -2.90
CA LEU A 52 -0.73 -4.15 -1.83
C LEU A 52 -0.42 -4.93 -0.57
N VAL A 53 -0.11 -4.23 0.51
CA VAL A 53 0.19 -4.85 1.80
C VAL A 53 -0.87 -4.36 2.78
N VAL A 54 -1.72 -5.28 3.24
CA VAL A 54 -2.89 -4.98 4.05
C VAL A 54 -2.59 -5.37 5.48
N LYS A 55 -2.88 -4.48 6.43
CA LYS A 55 -2.76 -4.79 7.84
C LYS A 55 -4.14 -4.90 8.46
N ASP A 56 -4.39 -6.05 9.14
CA ASP A 56 -5.59 -6.35 9.91
C ASP A 56 -5.13 -7.21 11.09
N LYS A 57 -4.45 -6.60 12.06
CA LYS A 57 -3.75 -7.36 13.08
C LYS A 57 -2.50 -8.00 12.47
N ASP A 58 -2.69 -9.03 11.63
CA ASP A 58 -1.57 -9.56 10.86
C ASP A 58 -1.44 -8.80 9.53
N ILE A 59 -0.37 -9.09 8.82
CA ILE A 59 -0.06 -8.43 7.54
C ILE A 59 -0.22 -9.44 6.41
N PHE A 60 -0.77 -8.97 5.30
CA PHE A 60 -1.14 -9.80 4.16
C PHE A 60 -0.69 -9.11 2.89
N TYR A 61 0.01 -9.84 2.03
CA TYR A 61 0.58 -9.32 0.81
C TYR A 61 -0.20 -9.79 -0.41
N PHE A 62 -0.38 -8.87 -1.35
CA PHE A 62 -1.03 -9.13 -2.63
C PHE A 62 -0.28 -8.44 -3.77
N LYS A 63 -0.47 -8.95 -4.98
CA LYS A 63 0.06 -8.36 -6.20
C LYS A 63 -1.12 -8.03 -7.10
N CYS A 64 -1.10 -6.86 -7.74
CA CYS A 64 -2.12 -6.50 -8.71
C CYS A 64 -1.38 -6.18 -10.00
N ASP A 65 -1.44 -7.10 -10.95
CA ASP A 65 -0.73 -7.00 -12.22
C ASP A 65 -1.76 -6.70 -13.29
N ARG A 66 -1.87 -5.43 -13.67
CA ARG A 66 -2.83 -5.00 -14.68
C ARG A 66 -4.24 -5.48 -14.35
N GLY A 67 -4.61 -5.38 -13.08
CA GLY A 67 -5.92 -5.78 -12.59
C GLY A 67 -6.06 -7.21 -12.11
N SER A 68 -5.10 -8.08 -12.39
CA SER A 68 -5.14 -9.47 -11.97
C SER A 68 -4.49 -9.55 -10.60
N ILE A 69 -5.26 -9.97 -9.60
CA ILE A 69 -4.83 -9.98 -8.21
C ILE A 69 -4.41 -11.38 -7.82
N SER A 70 -3.30 -11.49 -7.10
CA SER A 70 -2.81 -12.76 -6.56
C SER A 70 -2.32 -12.54 -5.15
N ILE A 71 -2.22 -13.64 -4.41
CA ILE A 71 -1.64 -13.65 -3.08
C ILE A 71 -0.12 -13.77 -3.19
N VAL A 72 0.59 -12.98 -2.40
CA VAL A 72 2.04 -12.99 -2.30
C VAL A 72 2.42 -13.54 -0.94
N ASN A 73 3.43 -14.42 -0.91
CA ASN A 73 3.84 -14.93 0.40
C ASN A 73 4.39 -13.81 1.28
N ASN A 74 4.18 -13.97 2.59
CA ASN A 74 4.64 -13.00 3.59
C ASN A 74 6.11 -12.71 3.41
N GLU A 75 6.46 -11.43 3.31
CA GLU A 75 7.83 -11.02 3.04
C GLU A 75 8.53 -10.40 4.24
N PHE A 76 7.83 -10.19 5.33
CA PHE A 76 8.44 -9.83 6.60
C PHE A 76 9.04 -8.42 6.65
N TYR A 77 8.62 -7.52 5.75
CA TYR A 77 8.96 -6.11 5.93
C TYR A 77 8.19 -5.50 7.09
N VAL A 78 8.84 -4.61 7.86
CA VAL A 78 8.18 -4.10 9.06
C VAL A 78 7.08 -3.10 8.71
N PHE A 79 7.24 -2.36 7.62
CA PHE A 79 6.37 -1.24 7.27
C PHE A 79 6.06 -0.40 8.50
N ASP A 80 7.12 -0.05 9.22
CA ASP A 80 7.05 0.61 10.52
C ASP A 80 7.38 2.09 10.47
N GLU A 81 8.34 2.49 9.62
CA GLU A 81 8.91 3.83 9.59
C GLU A 81 7.88 4.82 10.11
N PRO A 82 8.05 5.32 11.36
CA PRO A 82 6.96 6.05 12.02
C PRO A 82 6.46 7.21 11.17
N LEU A 83 5.29 7.03 10.55
CA LEU A 83 4.79 7.99 9.58
C LEU A 83 3.77 8.93 10.20
N LEU A 84 3.80 10.17 9.75
CA LEU A 84 2.82 11.17 10.12
C LEU A 84 1.66 11.09 9.14
N PHE A 85 0.46 11.16 9.66
CA PHE A 85 -0.78 11.13 8.88
C PHE A 85 -1.73 12.24 9.29
N VAL A 86 -2.54 12.67 8.33
CA VAL A 86 -3.65 13.58 8.54
C VAL A 86 -4.95 12.88 8.19
N LYS A 87 -6.05 13.34 8.79
CA LYS A 87 -7.34 12.66 8.60
C LYS A 87 -8.25 13.31 7.58
N ASP A 88 -8.04 14.58 7.23
CA ASP A 88 -8.88 15.33 6.30
C ASP A 88 -7.98 16.05 5.30
N PHE A 89 -8.54 16.38 4.14
CA PHE A 89 -7.80 17.06 3.09
C PHE A 89 -8.79 17.68 2.11
N THR A 90 -8.27 18.51 1.21
CA THR A 90 -9.08 19.08 0.15
C THR A 90 -8.60 18.79 -1.26
N LYS A 91 -7.32 18.46 -1.46
CA LYS A 91 -6.80 18.25 -2.80
C LYS A 91 -5.81 17.11 -2.76
N ILE A 92 -5.94 16.16 -3.67
CA ILE A 92 -4.97 15.09 -3.87
C ILE A 92 -3.89 15.60 -4.82
N THR A 93 -2.63 15.36 -4.47
CA THR A 93 -1.52 15.74 -5.33
C THR A 93 -0.67 14.56 -5.79
N GLY A 94 -0.77 13.39 -5.16
CA GLY A 94 0.08 12.30 -5.57
C GLY A 94 -0.31 11.01 -4.88
N VAL A 95 0.31 9.92 -5.32
CA VAL A 95 0.15 8.61 -4.69
C VAL A 95 1.55 8.12 -4.33
N GLU A 96 1.70 7.66 -3.10
CA GLU A 96 3.00 7.29 -2.52
C GLU A 96 3.05 5.77 -2.38
N PHE A 97 4.09 5.17 -2.93
CA PHE A 97 4.30 3.73 -2.88
C PHE A 97 5.55 3.44 -2.06
N ILE A 98 5.44 2.56 -1.08
CA ILE A 98 6.61 2.07 -0.38
C ILE A 98 7.07 0.81 -1.10
N VAL A 99 8.21 0.90 -1.76
CA VAL A 99 8.72 -0.15 -2.62
C VAL A 99 9.87 -0.84 -1.92
N THR A 100 10.14 -2.08 -2.34
CA THR A 100 11.22 -2.86 -1.78
C THR A 100 11.94 -3.61 -2.90
N GLU A 101 13.06 -4.25 -2.55
CA GLU A 101 13.82 -5.07 -3.50
C GLU A 101 12.96 -6.12 -4.21
N THR A 102 11.95 -6.64 -3.53
CA THR A 102 11.08 -7.67 -4.08
C THR A 102 9.73 -7.14 -4.54
N MET A 103 9.46 -5.83 -4.41
CA MET A 103 8.16 -5.26 -4.72
C MET A 103 8.35 -3.96 -5.48
N PRO A 104 8.76 -4.06 -6.76
CA PRO A 104 8.80 -2.86 -7.60
C PRO A 104 7.42 -2.44 -8.02
N CYS A 105 7.30 -1.33 -8.74
CA CYS A 105 5.99 -0.91 -9.23
C CYS A 105 6.11 -0.24 -10.58
N ARG A 106 5.01 -0.29 -11.34
CA ARG A 106 4.87 0.39 -12.62
C ARG A 106 3.53 1.08 -12.54
N ILE A 107 3.53 2.39 -12.42
CA ILE A 107 2.33 3.14 -12.09
C ILE A 107 2.01 4.11 -13.21
N ILE A 108 0.78 4.12 -13.68
CA ILE A 108 0.30 5.12 -14.59
C ILE A 108 -0.78 5.93 -13.90
N PRO A 109 -0.45 7.14 -13.43
CA PRO A 109 -1.40 7.93 -12.65
C PRO A 109 -2.51 8.54 -13.49
N LYS A 110 -3.64 8.78 -12.84
CA LYS A 110 -4.72 9.59 -13.38
C LYS A 110 -4.55 11.05 -12.98
N ASN A 111 -5.19 11.91 -13.76
CA ASN A 111 -5.40 13.30 -13.36
C ASN A 111 -4.10 14.02 -13.03
N ASN A 112 -3.02 13.62 -13.70
CA ASN A 112 -1.72 14.27 -13.56
C ASN A 112 -1.18 14.23 -12.13
N HIS A 113 -1.54 13.22 -11.36
CA HIS A 113 -0.97 13.07 -10.03
C HIS A 113 0.50 12.70 -10.11
N ALA A 114 1.24 13.08 -9.07
CA ALA A 114 2.62 12.63 -8.92
C ALA A 114 2.65 11.19 -8.44
N VAL A 115 3.73 10.49 -8.80
CA VAL A 115 4.02 9.17 -8.25
C VAL A 115 5.23 9.32 -7.33
N ILE A 116 5.07 8.96 -6.07
CA ILE A 116 6.13 9.06 -5.09
C ILE A 116 6.56 7.64 -4.74
N SER A 117 7.87 7.38 -4.81
CA SER A 117 8.43 6.08 -4.46
C SER A 117 9.42 6.24 -3.34
N VAL A 118 9.20 5.52 -2.24
CA VAL A 118 10.06 5.53 -1.06
C VAL A 118 10.42 4.09 -0.76
N VAL A 119 11.66 3.84 -0.37
CA VAL A 119 12.17 2.50 -0.18
C VAL A 119 12.15 2.13 1.29
N THR A 120 11.80 0.89 1.58
CA THR A 120 12.10 0.32 2.88
C THR A 120 12.84 -1.00 2.71
N ASN A 121 13.82 -1.23 3.60
CA ASN A 121 14.55 -2.48 3.63
C ASN A 121 14.44 -3.16 4.98
N HIS A 122 13.68 -2.61 5.90
CA HIS A 122 13.73 -3.14 7.25
C HIS A 122 12.75 -4.30 7.40
N LYS A 123 13.24 -5.40 7.96
CA LYS A 123 12.49 -6.64 8.12
C LYS A 123 12.42 -7.02 9.60
N PHE A 124 11.42 -7.81 9.92
CA PHE A 124 11.30 -8.37 11.26
C PHE A 124 12.50 -9.27 11.54
N TYR A 125 12.71 -9.55 12.83
CA TYR A 125 13.81 -10.43 13.20
C TYR A 125 13.63 -11.81 12.56
N ASN A 126 14.73 -12.38 12.05
CA ASN A 126 14.65 -13.65 11.33
C ASN A 126 15.59 -14.71 11.90
N GLY A 127 16.14 -14.47 13.09
CA GLY A 127 17.03 -15.43 13.72
C GLY A 127 18.46 -14.96 13.77
N LEU A 128 18.80 -13.87 13.09
CA LEU A 128 20.13 -13.29 13.14
C LEU A 128 20.01 -11.79 13.00
N SER A 129 20.64 -11.05 13.91
CA SER A 129 20.74 -9.61 13.81
C SER A 129 22.21 -9.24 13.67
N LEU A 130 22.47 -8.15 12.96
CA LEU A 130 23.84 -7.75 12.66
C LEU A 130 24.04 -6.31 13.13
N HIS A 131 25.01 -6.10 14.01
CA HIS A 131 25.44 -4.75 14.31
C HIS A 131 26.00 -4.10 13.04
N HIS A 132 25.46 -2.95 12.67
CA HIS A 132 25.89 -2.29 11.45
C HIS A 132 26.98 -1.27 11.72
#